data_4TUL
#
_entry.id   4TUL
#
_cell.length_a   42.676
_cell.length_b   64.167
_cell.length_c   78.900
_cell.angle_alpha   90.00
_cell.angle_beta   99.46
_cell.angle_gamma   90.00
#
_symmetry.space_group_name_H-M   'P 1 21 1'
#
loop_
_entity.id
_entity.type
_entity.pdbx_description
1 polymer 'Heavy chain of monoclonal antibody against neuroblastoma associated antigen'
2 polymer 'Light chain of monoclonal antibody against neuroblastoma associated antigen'
3 polymer peptide2
4 non-polymer 'ACETATE ION'
5 non-polymer 'SULFATE ION'
6 water water
#
loop_
_entity_poly.entity_id
_entity_poly.type
_entity_poly.pdbx_seq_one_letter_code
_entity_poly.pdbx_strand_id
1 'polypeptide(L)'
;EVQLLQSGPELEKPGASVMISCKASGSSFTGYNMNWVRQNIGKSLEWIGAIDPYYGGTSYNQKFKGRATLTVDKSSSTAY
MHLKSLTSEDSAVYYCVSGMEYWGQGTSVTVSSAKTTAPSVYPLAPVCGDTTGSSVTLGCLVKGYFPEPVTLTWNSGSLS
SGVHTFPAVLQSDLYTLSSSVTVTSSTWPSQSITCNVAHPASSTKVDKKIEPRG
;
H
2 'polypeptide(L)'
;DVVMTQTPLSLPVSLGDQASISCRSSQSLVHRNGNTYLHWYLQKPGQSPKLLIHKVSNRFSGVPDRFSGSGSGTDFTLKI
SRVEAEDLGVYFCSQSTHVPPLTFGAGTKLELKRADAAPTVSIFPPSSEQLTSGGASVVCFLNNFYPKDINVKWKIDGSE
RQNGVLNSWTDQDSKDSTYSMSSTLTLTKDEYERHNSYTCEATHKTSTSPIVKSFNRNEC
;
L
3 'polypeptide(L)' VCNPLTGALLCSAAEGD I
#
loop_
_chem_comp.id
_chem_comp.type
_chem_comp.name
_chem_comp.formula
ACT non-polymer 'ACETATE ION' 'C2 H3 O2 -1'
SO4 non-polymer 'SULFATE ION' 'O4 S -2'
#
# COMPACT_ATOMS: atom_id res chain seq x y z
N VAL A 2 16.01 -14.91 -15.26
CA VAL A 2 14.51 -15.12 -15.34
C VAL A 2 13.79 -13.77 -15.17
N GLN A 3 12.89 -13.51 -16.13
CA GLN A 3 12.11 -12.26 -16.15
C GLN A 3 10.71 -12.60 -16.53
N LEU A 4 9.81 -11.98 -15.77
CA LEU A 4 8.38 -12.19 -15.88
C LEU A 4 7.75 -10.81 -16.06
N LEU A 5 7.25 -10.57 -17.29
CA LEU A 5 6.61 -9.31 -17.69
C LEU A 5 5.12 -9.41 -17.67
N GLN A 6 4.51 -8.68 -16.73
CA GLN A 6 3.08 -8.70 -16.61
C GLN A 6 2.44 -7.48 -17.36
N SER A 7 1.20 -7.70 -17.71
CA SER A 7 0.38 -6.69 -18.37
C SER A 7 -0.01 -5.54 -17.44
N GLY A 8 -0.40 -4.41 -18.02
CA GLY A 8 -0.69 -3.23 -17.25
C GLY A 8 -2.01 -3.23 -16.54
N PRO A 9 -2.27 -2.10 -15.86
CA PRO A 9 -3.43 -1.97 -14.99
C PRO A 9 -4.75 -2.20 -15.62
N GLU A 10 -5.62 -2.88 -14.91
CA GLU A 10 -6.97 -3.15 -15.31
C GLU A 10 -7.99 -2.42 -14.42
N LEU A 11 -9.11 -2.08 -15.02
CA LEU A 11 -10.20 -1.36 -14.34
C LEU A 11 -11.52 -2.00 -14.69
N GLU A 12 -12.30 -2.49 -13.73
CA GLU A 12 -13.59 -3.10 -14.04
C GLU A 12 -14.64 -2.75 -13.05
N LYS A 13 -15.92 -2.89 -13.44
CA LYS A 13 -17.04 -2.82 -12.56
C LYS A 13 -17.20 -4.08 -11.76
N PRO A 14 -17.76 -4.00 -10.57
CA PRO A 14 -18.14 -5.17 -9.82
C PRO A 14 -19.00 -6.11 -10.68
N GLY A 15 -18.67 -7.39 -10.59
CA GLY A 15 -19.38 -8.41 -11.33
C GLY A 15 -18.68 -8.87 -12.55
N ALA A 16 -17.79 -8.08 -13.10
CA ALA A 16 -17.12 -8.32 -14.38
C ALA A 16 -15.90 -9.22 -14.18
N SER A 17 -15.20 -9.41 -15.23
CA SER A 17 -13.97 -10.21 -15.22
C SER A 17 -12.79 -9.47 -15.85
N VAL A 18 -11.58 -9.95 -15.58
CA VAL A 18 -10.36 -9.43 -16.23
C VAL A 18 -9.47 -10.60 -16.62
N MET A 19 -8.65 -10.38 -17.58
CA MET A 19 -7.72 -11.36 -18.12
C MET A 19 -6.34 -10.71 -18.12
N ILE A 20 -5.40 -11.23 -17.34
CA ILE A 20 -4.08 -10.60 -17.21
C ILE A 20 -2.99 -11.59 -17.68
N SER A 21 -1.92 -11.07 -18.19
CA SER A 21 -0.84 -11.87 -18.77
C SER A 21 0.45 -11.75 -18.10
N CYS A 22 1.26 -12.80 -18.32
CA CYS A 22 2.58 -12.87 -17.74
C CYS A 22 3.57 -13.51 -18.74
N LYS A 23 4.42 -12.73 -19.31
CA LYS A 23 5.34 -13.20 -20.39
C LYS A 23 6.66 -13.54 -19.75
N ALA A 24 7.07 -14.81 -19.91
CA ALA A 24 8.30 -15.21 -19.30
C ALA A 24 9.44 -15.24 -20.30
N SER A 25 10.58 -14.83 -19.80
CA SER A 25 11.81 -14.95 -20.57
C SER A 25 12.97 -15.47 -19.72
N GLY A 26 13.87 -16.22 -20.37
CA GLY A 26 15.14 -16.59 -19.71
C GLY A 26 15.13 -17.87 -18.89
N SER A 28 13.43 -21.91 -18.77
CA SER A 28 12.62 -22.90 -19.43
C SER A 28 11.14 -22.78 -18.99
N PHE A 29 10.32 -22.23 -19.90
CA PHE A 29 8.94 -21.89 -19.60
C PHE A 29 8.21 -23.15 -19.15
N THR A 30 8.53 -24.31 -19.73
CA THR A 30 7.80 -25.51 -19.36
C THR A 30 8.33 -26.20 -18.09
N GLY A 31 9.47 -25.78 -17.56
CA GLY A 31 10.01 -26.42 -16.32
C GLY A 31 9.50 -25.94 -14.99
N TYR A 32 8.67 -24.90 -14.95
CA TYR A 32 8.22 -24.38 -13.69
C TYR A 32 6.72 -24.15 -13.69
N ASN A 33 6.09 -24.59 -12.63
CA ASN A 33 4.70 -24.22 -12.47
C ASN A 33 4.60 -22.69 -12.38
N MET A 34 3.59 -22.13 -13.06
CA MET A 34 3.35 -20.68 -12.91
C MET A 34 2.33 -20.49 -11.84
N ASN A 35 2.72 -19.87 -10.72
CA ASN A 35 1.89 -19.63 -9.56
C ASN A 35 1.37 -18.19 -9.67
N TRP A 36 0.25 -17.97 -9.03
CA TRP A 36 -0.38 -16.61 -8.97
C TRP A 36 -0.71 -16.28 -7.56
N VAL A 37 -0.38 -15.02 -7.20
CA VAL A 37 -0.54 -14.54 -5.81
C VAL A 37 -1.12 -13.16 -5.78
N ARG A 38 -2.13 -12.94 -4.98
CA ARG A 38 -2.72 -11.57 -4.76
C ARG A 38 -2.00 -10.91 -3.61
N GLN A 39 -1.62 -9.65 -3.74
CA GLN A 39 -1.20 -8.85 -2.63
C GLN A 39 -2.29 -7.83 -2.35
N ASN A 40 -2.85 -7.91 -1.13
CA ASN A 40 -3.95 -7.00 -0.76
C ASN A 40 -3.41 -5.69 -0.26
N ILE A 41 -4.29 -4.73 -0.06
CA ILE A 41 -3.86 -3.39 0.36
C ILE A 41 -2.96 -3.28 1.57
N GLY A 42 -3.26 -4.04 2.63
CA GLY A 42 -2.35 -4.04 3.82
C GLY A 42 -1.11 -4.93 3.74
N LYS A 43 -0.83 -5.40 2.52
CA LYS A 43 0.35 -6.10 2.11
C LYS A 43 0.31 -7.58 2.28
N SER A 44 -0.78 -8.13 2.82
CA SER A 44 -0.89 -9.57 2.93
C SER A 44 -0.96 -10.23 1.58
N LEU A 45 -0.53 -11.45 1.53
CA LEU A 45 -0.43 -12.25 0.36
C LEU A 45 -1.37 -13.44 0.37
N GLU A 46 -2.00 -13.73 -0.74
CA GLU A 46 -2.88 -14.90 -0.85
C GLU A 46 -2.60 -15.65 -2.11
N TRP A 47 -2.20 -16.93 -2.06
CA TRP A 47 -1.90 -17.75 -3.21
C TRP A 47 -3.22 -18.14 -3.87
N ILE A 48 -3.33 -17.92 -5.12
CA ILE A 48 -4.54 -18.16 -5.86
C ILE A 48 -4.54 -19.58 -6.46
N GLY A 49 -3.47 -19.94 -7.07
CA GLY A 49 -3.33 -21.21 -7.73
C GLY A 49 -2.10 -21.35 -8.53
N ALA A 50 -1.86 -22.47 -9.23
CA ALA A 50 -0.79 -22.63 -10.16
C ALA A 50 -1.10 -23.52 -11.36
N ILE A 51 -0.32 -23.43 -12.43
CA ILE A 51 -0.52 -24.26 -13.60
C ILE A 51 0.82 -24.87 -14.04
N ASP A 52 0.76 -26.15 -14.52
CA ASP A 52 1.86 -26.81 -15.15
C ASP A 52 1.80 -26.46 -16.62
N PRO A 53 2.79 -25.77 -17.20
CA PRO A 53 2.65 -25.29 -18.57
C PRO A 53 2.85 -26.37 -19.65
N TYR A 54 3.54 -27.47 -19.37
CA TYR A 54 3.68 -28.50 -20.45
C TYR A 54 2.40 -29.28 -20.61
N TYR A 55 1.89 -29.70 -19.48
CA TYR A 55 0.73 -30.56 -19.46
C TYR A 55 -0.61 -29.92 -19.13
N GLY A 56 -0.62 -28.77 -18.44
CA GLY A 56 -1.83 -27.94 -18.32
C GLY A 56 -2.63 -28.24 -17.07
N GLY A 57 -2.17 -29.13 -16.20
CA GLY A 57 -2.88 -29.32 -14.99
C GLY A 57 -2.83 -28.07 -14.04
N THR A 58 -3.82 -27.92 -13.17
CA THR A 58 -3.97 -26.77 -12.33
C THR A 58 -4.32 -27.18 -10.91
N SER A 59 -3.95 -26.38 -9.91
CA SER A 59 -4.34 -26.54 -8.55
C SER A 59 -4.76 -25.17 -8.04
N TYR A 60 -5.87 -25.06 -7.34
CA TYR A 60 -6.39 -23.79 -6.84
C TYR A 60 -6.57 -23.73 -5.36
N ASN A 61 -6.35 -22.61 -4.79
CA ASN A 61 -6.92 -22.25 -3.56
C ASN A 61 -8.44 -22.35 -3.63
N GLN A 62 -9.05 -23.11 -2.78
CA GLN A 62 -10.52 -23.26 -2.87
C GLN A 62 -11.22 -21.94 -2.83
N LYS A 63 -10.67 -20.88 -2.20
CA LYS A 63 -11.29 -19.59 -2.18
C LYS A 63 -11.43 -18.96 -3.55
N PHE A 64 -10.56 -19.32 -4.43
CA PHE A 64 -10.52 -18.85 -5.79
C PHE A 64 -11.03 -19.79 -6.84
N LYS A 65 -11.10 -21.09 -6.52
CA LYS A 65 -11.66 -22.07 -7.38
C LYS A 65 -13.08 -21.67 -7.84
N GLY A 66 -13.26 -21.77 -9.11
CA GLY A 66 -14.62 -21.43 -9.63
C GLY A 66 -14.72 -19.95 -10.06
N ARG A 67 -13.73 -19.13 -9.71
CA ARG A 67 -13.77 -17.74 -10.13
C ARG A 67 -12.48 -17.28 -10.66
N ALA A 68 -11.50 -18.15 -10.83
CA ALA A 68 -10.24 -17.84 -11.46
C ALA A 68 -9.84 -18.96 -12.32
N THR A 69 -9.32 -18.72 -13.51
CA THR A 69 -8.90 -19.76 -14.45
C THR A 69 -7.55 -19.43 -14.94
N LEU A 70 -6.61 -20.38 -14.79
CA LEU A 70 -5.25 -20.24 -15.29
C LEU A 70 -5.06 -20.94 -16.57
N THR A 71 -4.37 -20.35 -17.50
CA THR A 71 -3.94 -20.95 -18.78
C THR A 71 -2.54 -20.58 -19.18
N VAL A 72 -1.98 -21.23 -20.20
CA VAL A 72 -0.75 -20.81 -20.82
C VAL A 72 -0.86 -20.85 -22.34
N ASP A 73 0.03 -20.15 -22.97
CA ASP A 73 0.38 -20.30 -24.41
C ASP A 73 1.84 -20.56 -24.53
N LYS A 74 2.17 -21.83 -24.85
CA LYS A 74 3.56 -22.25 -25.10
C LYS A 74 4.19 -21.62 -26.36
N SER A 75 3.38 -21.29 -27.39
CA SER A 75 3.97 -20.66 -28.59
CA SER A 75 3.91 -20.60 -28.59
C SER A 75 4.68 -19.34 -28.20
N SER A 76 4.20 -18.64 -27.16
CA SER A 76 4.81 -17.35 -26.75
C SER A 76 5.33 -17.23 -25.29
N SER A 77 5.52 -18.36 -24.60
CA SER A 77 5.83 -18.47 -23.17
CA SER A 77 5.93 -18.38 -23.23
C SER A 77 5.14 -17.40 -22.32
N THR A 78 3.82 -17.45 -22.45
CA THR A 78 2.89 -16.49 -21.75
C THR A 78 1.89 -17.25 -20.91
N ALA A 79 1.73 -16.94 -19.61
CA ALA A 79 0.70 -17.41 -18.77
C ALA A 79 -0.40 -16.39 -18.54
N TYR A 80 -1.58 -16.84 -18.30
CA TYR A 80 -2.79 -15.95 -18.17
C TYR A 80 -3.56 -16.33 -16.96
N MET A 81 -4.24 -15.34 -16.36
CA MET A 81 -5.23 -15.56 -15.33
C MET A 81 -6.49 -14.76 -15.67
N HIS A 82 -7.58 -15.47 -15.69
CA HIS A 82 -8.93 -14.93 -15.89
C HIS A 82 -9.53 -14.89 -14.57
N LEU A 83 -9.86 -13.73 -14.02
CA LEU A 83 -10.40 -13.57 -12.75
C LEU A 83 -11.84 -13.00 -12.92
N LYS A 84 -12.82 -13.76 -12.47
CA LYS A 84 -14.25 -13.46 -12.61
C LYS A 84 -14.82 -13.03 -11.33
N SER A 85 -16.07 -12.61 -11.35
CA SER A 85 -16.81 -12.33 -10.11
C SER A 85 -16.17 -11.18 -9.32
N LEU A 86 -15.76 -10.11 -9.98
CA LEU A 86 -14.96 -9.14 -9.27
C LEU A 86 -15.74 -8.38 -8.29
N THR A 87 -15.13 -8.15 -7.14
CA THR A 87 -15.74 -7.28 -6.12
C THR A 87 -14.68 -6.35 -5.61
N SER A 88 -15.07 -5.49 -4.65
CA SER A 88 -14.13 -4.51 -4.10
C SER A 88 -12.95 -5.16 -3.40
N GLU A 89 -13.08 -6.41 -2.96
CA GLU A 89 -11.98 -7.05 -2.30
C GLU A 89 -10.93 -7.42 -3.29
N ASP A 90 -11.26 -7.43 -4.58
CA ASP A 90 -10.32 -7.79 -5.59
C ASP A 90 -9.48 -6.65 -6.11
N SER A 91 -9.72 -5.44 -5.61
CA SER A 91 -8.83 -4.32 -5.92
C SER A 91 -7.50 -4.49 -5.21
N ALA A 92 -6.47 -4.93 -5.94
CA ALA A 92 -5.27 -5.50 -5.40
C ALA A 92 -4.21 -5.60 -6.48
N VAL A 93 -3.05 -6.11 -6.16
CA VAL A 93 -1.99 -6.39 -7.10
C VAL A 93 -1.86 -7.87 -7.25
N TYR A 94 -1.75 -8.33 -8.48
CA TYR A 94 -1.70 -9.74 -8.80
C TYR A 94 -0.33 -10.06 -9.40
N TYR A 95 0.37 -11.04 -8.85
CA TYR A 95 1.68 -11.47 -9.29
C TYR A 95 1.62 -12.83 -9.89
N CYS A 96 2.40 -13.00 -10.96
CA CYS A 96 2.79 -14.34 -11.41
C CYS A 96 4.16 -14.60 -10.81
N VAL A 97 4.34 -15.91 -10.46
CA VAL A 97 5.56 -16.34 -9.80
C VAL A 97 6.04 -17.71 -10.36
N SER A 98 7.21 -17.70 -10.96
CA SER A 98 7.72 -18.94 -11.61
C SER A 98 8.30 -19.84 -10.51
N GLY A 99 7.66 -20.97 -10.28
CA GLY A 99 8.10 -21.97 -9.28
C GLY A 99 8.20 -21.48 -7.89
N MET A 100 7.51 -20.34 -7.57
CA MET A 100 7.61 -19.62 -6.27
C MET A 100 8.99 -19.00 -6.07
N GLU A 101 9.79 -18.95 -7.13
CA GLU A 101 11.14 -18.46 -7.05
C GLU A 101 11.21 -17.05 -7.53
N TYR A 102 10.65 -16.74 -8.69
CA TYR A 102 10.87 -15.41 -9.31
C TYR A 102 9.50 -14.83 -9.62
N TRP A 103 9.38 -13.56 -9.24
CA TRP A 103 8.09 -12.83 -9.31
C TRP A 103 8.09 -11.84 -10.44
N GLY A 104 6.94 -11.73 -11.09
CA GLY A 104 6.71 -10.59 -12.02
C GLY A 104 6.51 -9.31 -11.27
N GLN A 105 6.36 -8.22 -11.97
CA GLN A 105 6.28 -6.93 -11.33
C GLN A 105 4.92 -6.64 -10.80
N GLY A 106 3.95 -7.46 -11.07
CA GLY A 106 2.58 -7.26 -10.65
C GLY A 106 1.68 -6.52 -11.55
N THR A 107 0.40 -6.82 -11.49
CA THR A 107 -0.65 -6.16 -12.28
C THR A 107 -1.71 -5.70 -11.27
N SER A 108 -1.97 -4.40 -11.32
CA SER A 108 -3.03 -3.77 -10.55
CA SER A 108 -3.07 -3.93 -10.50
C SER A 108 -4.40 -4.08 -11.17
N VAL A 109 -5.41 -4.48 -10.40
CA VAL A 109 -6.79 -4.54 -10.80
C VAL A 109 -7.55 -3.66 -9.85
N THR A 110 -8.34 -2.75 -10.38
CA THR A 110 -9.19 -1.83 -9.57
C THR A 110 -10.62 -2.10 -9.92
N VAL A 111 -11.46 -2.37 -8.93
CA VAL A 111 -12.88 -2.65 -9.13
C VAL A 111 -13.68 -1.42 -8.56
N SER A 112 -14.48 -0.79 -9.42
CA SER A 112 -15.26 0.36 -9.03
C SER A 112 -16.45 0.44 -9.93
N SER A 113 -17.58 0.94 -9.41
CA SER A 113 -18.71 1.19 -10.27
CA SER A 113 -18.74 1.21 -10.20
C SER A 113 -18.62 2.45 -11.10
N ALA A 114 -17.62 3.29 -10.85
CA ALA A 114 -17.49 4.59 -11.51
C ALA A 114 -16.89 4.50 -12.87
N LYS A 115 -17.40 5.30 -13.77
CA LYS A 115 -16.72 5.55 -15.03
C LYS A 115 -15.56 6.56 -14.76
N THR A 116 -14.74 6.85 -15.73
CA THR A 116 -13.72 7.90 -15.65
C THR A 116 -14.39 9.17 -15.22
N THR A 117 -13.86 9.73 -14.13
CA THR A 117 -14.47 10.89 -13.37
C THR A 117 -13.39 11.87 -13.08
N ALA A 118 -13.64 13.14 -13.42
CA ALA A 118 -12.75 14.22 -13.14
C ALA A 118 -12.82 14.64 -11.68
N PRO A 119 -11.67 14.94 -11.10
CA PRO A 119 -11.69 15.51 -9.75
C PRO A 119 -12.05 16.91 -9.70
N SER A 120 -12.50 17.36 -8.50
CA SER A 120 -12.39 18.76 -8.17
C SER A 120 -11.11 18.98 -7.37
N VAL A 121 -10.45 20.12 -7.54
CA VAL A 121 -9.18 20.41 -6.94
C VAL A 121 -9.37 21.67 -6.12
N TYR A 122 -9.09 21.58 -4.82
CA TYR A 122 -9.27 22.73 -3.91
C TYR A 122 -7.97 23.16 -3.26
N PRO A 123 -7.76 24.48 -3.20
CA PRO A 123 -6.62 25.03 -2.45
C PRO A 123 -6.98 25.06 -0.95
N LEU A 124 -6.02 24.73 -0.12
CA LEU A 124 -6.18 24.73 1.33
C LEU A 124 -5.23 25.76 1.92
N ALA A 125 -5.82 26.92 2.22
CA ALA A 125 -5.10 28.00 2.95
C ALA A 125 -5.30 27.85 4.44
N PRO A 126 -4.35 28.38 5.23
CA PRO A 126 -4.50 28.26 6.68
C PRO A 126 -5.72 28.94 7.21
N VAL A 127 -6.03 28.59 8.44
CA VAL A 127 -7.14 29.19 9.11
C VAL A 127 -6.95 30.70 9.24
N CYS A 128 -8.09 31.40 9.10
CA CYS A 128 -8.33 32.86 9.28
C CYS A 128 -8.99 33.48 8.07
N SER A 134 6.56 31.23 12.33
CA SER A 134 7.78 31.13 11.52
C SER A 134 7.64 30.14 10.32
N SER A 135 6.84 29.08 10.45
CA SER A 135 6.48 28.28 9.24
C SER A 135 4.98 28.21 9.01
N VAL A 136 4.65 27.94 7.77
CA VAL A 136 3.29 27.78 7.36
C VAL A 136 3.10 26.52 6.55
N THR A 137 1.98 25.85 6.79
CA THR A 137 1.59 24.63 5.99
C THR A 137 0.37 24.94 5.20
N LEU A 138 0.50 24.64 3.90
CA LEU A 138 -0.56 24.81 2.94
C LEU A 138 -0.93 23.44 2.39
N GLY A 139 -2.12 23.35 1.80
CA GLY A 139 -2.56 22.07 1.26
C GLY A 139 -3.25 22.18 -0.10
N CYS A 140 -3.46 21.00 -0.67
CA CYS A 140 -4.25 20.88 -1.87
C CYS A 140 -5.03 19.59 -1.79
N LEU A 141 -6.29 19.65 -2.10
CA LEU A 141 -7.21 18.52 -2.05
C LEU A 141 -7.68 18.17 -3.44
N VAL A 142 -7.49 16.90 -3.83
CA VAL A 142 -7.91 16.40 -5.18
C VAL A 142 -8.99 15.36 -4.93
N LYS A 143 -10.27 15.78 -5.11
CA LYS A 143 -11.42 15.05 -4.60
CA LYS A 143 -11.33 14.95 -4.62
C LYS A 143 -12.21 14.40 -5.72
N GLY A 144 -12.38 13.08 -5.68
CA GLY A 144 -13.34 12.39 -6.42
C GLY A 144 -13.00 12.12 -7.89
N TYR A 145 -11.90 11.44 -8.10
CA TYR A 145 -11.53 11.11 -9.47
C TYR A 145 -11.47 9.61 -9.64
N PHE A 146 -11.47 9.23 -10.90
CA PHE A 146 -11.27 7.79 -11.27
C PHE A 146 -10.75 7.77 -12.70
N PRO A 147 -9.78 6.92 -13.05
CA PRO A 147 -8.92 6.04 -12.23
C PRO A 147 -7.66 6.73 -11.81
N GLU A 148 -6.76 6.01 -11.16
CA GLU A 148 -5.43 6.45 -10.99
C GLU A 148 -4.70 6.52 -12.34
N PRO A 149 -3.69 7.35 -12.45
CA PRO A 149 -3.10 8.24 -11.45
C PRO A 149 -3.44 9.68 -11.73
N VAL A 150 -3.11 10.50 -10.74
CA VAL A 150 -2.99 11.94 -10.92
C VAL A 150 -1.52 12.31 -10.73
N THR A 151 -1.18 13.46 -11.24
CA THR A 151 0.10 14.08 -10.92
CA THR A 151 0.14 14.03 -10.90
C THR A 151 -0.13 15.38 -10.17
N LEU A 152 0.51 15.61 -9.06
CA LEU A 152 0.37 16.81 -8.27
C LEU A 152 1.75 17.38 -8.06
N THR A 153 1.95 18.65 -8.38
CA THR A 153 3.18 19.40 -8.07
C THR A 153 2.82 20.69 -7.42
N TRP A 154 3.83 21.32 -6.81
CA TRP A 154 3.73 22.69 -6.29
C TRP A 154 4.67 23.64 -7.09
N ASN A 155 4.15 24.74 -7.57
CA ASN A 155 4.96 25.71 -8.37
C ASN A 155 5.64 25.00 -9.50
N SER A 156 4.91 24.14 -10.18
CA SER A 156 5.34 23.38 -11.34
C SER A 156 6.52 22.49 -11.09
N GLY A 157 6.72 22.05 -9.87
CA GLY A 157 7.83 21.16 -9.49
C GLY A 157 8.99 21.91 -8.88
N SER A 158 8.99 23.25 -8.96
CA SER A 158 10.06 24.04 -8.33
C SER A 158 10.07 23.95 -6.82
N LEU A 159 8.90 23.80 -6.24
CA LEU A 159 8.79 23.71 -4.82
C LEU A 159 8.59 22.21 -4.52
N SER A 160 9.65 21.56 -4.13
CA SER A 160 9.67 20.13 -3.89
C SER A 160 10.02 19.69 -2.50
N SER A 161 10.72 20.51 -1.70
CA SER A 161 11.07 20.05 -0.40
C SER A 161 9.91 20.48 0.54
N GLY A 162 9.83 19.85 1.68
CA GLY A 162 8.74 20.13 2.64
C GLY A 162 7.32 19.71 2.17
N VAL A 163 7.25 18.78 1.28
CA VAL A 163 6.00 18.33 0.69
C VAL A 163 5.67 16.94 1.21
N HIS A 164 4.40 16.71 1.51
CA HIS A 164 3.89 15.35 1.67
C HIS A 164 2.69 15.16 0.76
N THR A 165 2.83 14.36 -0.28
CA THR A 165 1.74 14.05 -1.12
C THR A 165 1.34 12.62 -0.74
N PHE A 166 0.11 12.46 -0.33
CA PHE A 166 -0.36 11.24 0.30
C PHE A 166 -0.83 10.26 -0.74
N PRO A 167 -0.68 8.97 -0.46
CA PRO A 167 -1.22 8.00 -1.41
C PRO A 167 -2.72 8.19 -1.63
N ALA A 168 -3.21 7.99 -2.86
CA ALA A 168 -4.61 8.06 -3.12
C ALA A 168 -5.33 6.92 -2.41
N VAL A 169 -6.55 7.18 -2.00
CA VAL A 169 -7.41 6.18 -1.39
C VAL A 169 -8.74 6.16 -2.11
N LEU A 170 -9.17 4.92 -2.43
CA LEU A 170 -10.40 4.65 -3.10
C LEU A 170 -11.46 4.48 -2.07
N GLN A 171 -12.53 5.25 -2.19
CA GLN A 171 -13.67 5.20 -1.20
C GLN A 171 -14.93 5.56 -1.92
N SER A 172 -15.95 4.73 -1.78
CA SER A 172 -17.16 4.92 -2.48
C SER A 172 -16.96 5.18 -3.97
N ASP A 173 -16.10 4.32 -4.51
CA ASP A 173 -15.87 4.23 -5.95
C ASP A 173 -14.97 5.26 -6.55
N LEU A 174 -14.56 6.28 -5.83
CA LEU A 174 -13.70 7.37 -6.32
C LEU A 174 -12.52 7.55 -5.46
N TYR A 175 -11.41 8.05 -6.06
CA TYR A 175 -10.21 8.40 -5.32
C TYR A 175 -10.28 9.81 -4.76
N THR A 176 -9.62 9.97 -3.62
CA THR A 176 -9.22 11.27 -3.10
C THR A 176 -7.73 11.20 -2.84
N LEU A 177 -7.01 12.31 -3.05
CA LEU A 177 -5.63 12.47 -2.74
C LEU A 177 -5.45 13.89 -2.14
N SER A 178 -4.44 14.05 -1.30
CA SER A 178 -4.12 15.38 -0.76
C SER A 178 -2.64 15.53 -0.71
N SER A 179 -2.22 16.79 -0.60
CA SER A 179 -0.84 17.14 -0.48
C SER A 179 -0.69 18.32 0.45
N SER A 180 0.32 18.25 1.32
CA SER A 180 0.74 19.39 2.15
C SER A 180 2.09 19.89 1.71
N VAL A 181 2.31 21.21 1.86
CA VAL A 181 3.63 21.80 1.69
C VAL A 181 3.88 22.81 2.83
N THR A 182 5.09 22.73 3.39
CA THR A 182 5.50 23.62 4.52
C THR A 182 6.67 24.50 4.09
N VAL A 183 6.43 25.80 4.29
CA VAL A 183 7.38 26.83 3.89
C VAL A 183 7.52 27.80 5.01
N THR A 184 8.55 28.61 4.91
CA THR A 184 8.75 29.67 5.92
C THR A 184 7.70 30.75 5.76
N SER A 185 7.40 31.46 6.87
CA SER A 185 6.46 32.60 6.83
C SER A 185 6.95 33.75 5.97
N SER A 186 8.25 33.86 5.74
CA SER A 186 8.81 34.89 4.88
C SER A 186 8.59 34.59 3.38
N THR A 187 8.23 33.33 3.07
CA THR A 187 7.95 32.87 1.73
C THR A 187 6.49 33.06 1.32
N TRP A 188 5.53 32.86 2.22
CA TRP A 188 4.10 32.85 1.86
C TRP A 188 3.38 33.62 2.94
N PRO A 189 2.48 34.54 2.51
CA PRO A 189 1.94 34.75 1.18
C PRO A 189 2.66 35.75 0.28
N SER A 190 3.85 36.16 0.69
CA SER A 190 4.55 37.14 -0.12
C SER A 190 4.97 36.65 -1.48
N GLN A 191 5.22 35.32 -1.60
CA GLN A 191 5.50 34.71 -2.89
C GLN A 191 4.35 33.70 -3.22
N SER A 192 4.02 33.55 -4.47
CA SER A 192 2.89 32.72 -4.85
C SER A 192 3.25 31.25 -4.70
N ILE A 193 2.27 30.50 -4.24
CA ILE A 193 2.35 29.04 -4.17
C ILE A 193 1.05 28.53 -4.79
N THR A 194 1.22 27.64 -5.76
CA THR A 194 0.13 27.09 -6.59
C THR A 194 0.32 25.59 -6.62
N CYS A 195 -0.81 24.87 -6.44
CA CYS A 195 -0.77 23.42 -6.72
CA CYS A 195 -0.95 23.46 -6.67
C CYS A 195 -1.30 23.17 -8.11
N ASN A 196 -0.54 22.30 -8.75
CA ASN A 196 -0.82 21.92 -10.16
C ASN A 196 -1.22 20.47 -10.20
N VAL A 197 -2.38 20.18 -10.76
CA VAL A 197 -2.89 18.83 -10.77
C VAL A 197 -3.24 18.44 -12.19
N ALA A 198 -2.79 17.28 -12.61
CA ALA A 198 -3.25 16.67 -13.84
C ALA A 198 -3.82 15.29 -13.62
N HIS A 199 -4.97 15.07 -14.27
CA HIS A 199 -5.58 13.74 -14.35
C HIS A 199 -5.82 13.46 -15.83
N PRO A 200 -4.83 12.87 -16.48
CA PRO A 200 -4.90 12.68 -17.95
C PRO A 200 -6.11 11.89 -18.41
N ALA A 201 -6.52 10.88 -17.69
CA ALA A 201 -7.65 10.04 -18.15
C ALA A 201 -8.90 10.90 -18.37
N SER A 202 -9.14 11.96 -17.60
CA SER A 202 -10.33 12.84 -17.66
C SER A 202 -10.06 14.17 -18.36
N SER A 203 -8.89 14.28 -18.94
CA SER A 203 -8.47 15.54 -19.61
C SER A 203 -8.56 16.71 -18.59
N THR A 204 -8.20 16.47 -17.32
CA THR A 204 -8.10 17.48 -16.28
C THR A 204 -6.72 18.02 -16.10
N LYS A 205 -6.65 19.36 -16.04
CA LYS A 205 -5.37 20.05 -15.82
C LYS A 205 -5.72 21.33 -15.15
N VAL A 206 -5.36 21.49 -13.88
CA VAL A 206 -5.82 22.63 -13.08
C VAL A 206 -4.66 23.17 -12.27
N ASP A 207 -4.69 24.46 -12.06
CA ASP A 207 -3.74 25.20 -11.24
C ASP A 207 -4.55 25.91 -10.23
N LYS A 208 -4.22 25.73 -8.94
CA LYS A 208 -4.99 26.37 -7.87
C LYS A 208 -3.99 27.10 -6.97
N LYS A 209 -4.01 28.42 -7.11
CA LYS A 209 -3.21 29.30 -6.27
C LYS A 209 -3.71 29.28 -4.82
N ILE A 210 -2.79 29.17 -3.87
CA ILE A 210 -3.18 29.19 -2.46
C ILE A 210 -3.26 30.66 -2.05
N GLU A 211 -4.46 31.13 -1.73
CA GLU A 211 -4.65 32.53 -1.37
C GLU A 211 -5.05 32.62 0.10
N PRO A 212 -4.52 33.60 0.84
CA PRO A 212 -5.03 33.75 2.23
C PRO A 212 -6.57 33.96 2.28
N ARG A 213 -7.27 33.41 3.26
N ARG A 213 -7.14 33.46 3.36
CA ARG A 213 -8.75 33.64 3.33
CA ARG A 213 -8.57 33.40 3.58
C ARG A 213 -9.10 35.07 3.86
C ARG A 213 -9.27 34.76 3.76
N ASP B 1 -6.42 -24.74 6.31
CA ASP B 1 -5.20 -24.13 5.74
C ASP B 1 -4.28 -23.72 6.91
N VAL B 2 -2.98 -23.65 6.63
CA VAL B 2 -1.99 -23.35 7.67
C VAL B 2 -1.92 -21.86 7.99
N VAL B 3 -2.05 -21.45 9.19
CA VAL B 3 -1.95 -20.08 9.64
C VAL B 3 -0.49 -19.80 10.06
N MET B 4 0.07 -18.72 9.51
CA MET B 4 1.50 -18.42 9.65
CA MET B 4 1.49 -18.36 9.63
C MET B 4 1.48 -17.09 10.41
N THR B 5 1.96 -17.09 11.66
CA THR B 5 1.93 -15.99 12.51
C THR B 5 3.34 -15.47 12.59
N GLN B 6 3.51 -14.25 12.12
CA GLN B 6 4.78 -13.50 12.29
C GLN B 6 4.79 -12.55 13.45
N THR B 7 5.91 -12.43 14.16
CA THR B 7 6.04 -11.42 15.20
C THR B 7 7.50 -10.93 15.23
N PRO B 8 7.72 -9.63 15.45
CA PRO B 8 6.72 -8.57 15.44
C PRO B 8 6.19 -8.36 14.03
N LEU B 9 5.15 -7.58 13.91
CA LEU B 9 4.62 -7.15 12.57
C LEU B 9 5.28 -5.86 12.09
N SER B 10 5.84 -5.07 13.00
CA SER B 10 6.66 -3.91 12.69
C SER B 10 7.91 -4.00 13.57
N LEU B 11 9.10 -3.81 12.96
CA LEU B 11 10.33 -3.96 13.65
C LEU B 11 11.21 -2.74 13.35
N PRO B 12 11.21 -1.73 14.27
CA PRO B 12 12.09 -0.60 14.11
C PRO B 12 13.44 -0.93 14.66
N VAL B 13 14.47 -0.70 13.86
CA VAL B 13 15.86 -0.94 14.26
C VAL B 13 16.72 0.23 13.93
N SER B 14 17.96 0.22 14.45
CA SER B 14 18.95 1.16 14.03
C SER B 14 19.89 0.51 13.03
N LEU B 15 20.42 1.28 12.09
CA LEU B 15 21.40 0.86 11.14
C LEU B 15 22.50 0.09 11.89
N GLY B 16 22.83 -1.09 11.39
CA GLY B 16 23.87 -1.93 11.98
C GLY B 16 23.39 -2.85 13.02
N ASP B 17 22.13 -2.72 13.48
CA ASP B 17 21.58 -3.66 14.40
C ASP B 17 21.40 -5.08 13.79
N GLN B 18 21.30 -6.04 14.70
CA GLN B 18 20.77 -7.36 14.38
C GLN B 18 19.27 -7.35 14.54
N ALA B 19 18.58 -7.93 13.57
CA ALA B 19 17.12 -7.97 13.52
C ALA B 19 16.74 -9.42 13.53
N SER B 20 15.68 -9.74 14.26
CA SER B 20 15.16 -11.05 14.32
C SER B 20 13.65 -11.08 14.11
N ILE B 21 13.20 -11.96 13.20
CA ILE B 21 11.75 -12.09 12.84
C ILE B 21 11.35 -13.52 13.09
N SER B 22 10.25 -13.71 13.82
CA SER B 22 9.73 -15.06 14.07
C SER B 22 8.52 -15.35 13.16
N CYS B 23 8.38 -16.60 12.82
CA CYS B 23 7.33 -17.18 12.01
C CYS B 23 6.95 -18.48 12.64
N ARG B 24 5.70 -18.57 13.09
CA ARG B 24 5.19 -19.80 13.70
C ARG B 24 3.99 -20.29 12.92
N SER B 25 4.02 -21.53 12.55
CA SER B 25 2.89 -22.14 11.88
C SER B 25 1.98 -22.91 12.82
N SER B 26 0.74 -23.00 12.40
CA SER B 26 -0.33 -23.60 13.23
C SER B 26 -0.22 -25.11 13.19
N GLN B 27 0.47 -25.65 12.22
CA GLN B 27 0.83 -27.05 12.30
C GLN B 27 2.27 -27.26 11.78
N SER B 28 2.84 -28.42 12.04
CA SER B 28 4.21 -28.69 11.56
C SER B 28 4.40 -28.60 10.07
N LEU B 29 5.50 -27.98 9.65
CA LEU B 29 5.84 -27.91 8.28
C LEU B 29 6.79 -28.95 7.74
N VAL B 30 7.10 -29.95 8.62
CA VAL B 30 7.91 -31.04 8.13
C VAL B 30 6.95 -32.00 7.40
N HIS B 31 7.26 -32.25 6.17
CA HIS B 31 6.49 -33.06 5.26
C HIS B 31 6.89 -34.49 5.49
N ARG B 32 5.99 -35.41 5.13
CA ARG B 32 6.25 -36.88 5.12
C ARG B 32 7.59 -37.28 4.41
N ASN B 33 7.94 -36.58 3.33
CA ASN B 33 9.15 -36.83 2.55
C ASN B 33 10.47 -36.32 3.14
N GLY B 34 10.37 -35.71 4.33
CA GLY B 34 11.55 -35.24 5.07
C GLY B 34 11.85 -33.75 4.97
N ASN B 35 11.28 -33.11 3.94
CA ASN B 35 11.51 -31.66 3.65
C ASN B 35 10.63 -30.78 4.44
N THR B 36 11.15 -29.57 4.67
CA THR B 36 10.44 -28.53 5.38
C THR B 36 10.38 -27.36 4.43
N TYR B 37 9.22 -27.18 3.81
CA TYR B 37 8.99 -26.20 2.71
C TYR B 37 8.58 -24.88 3.33
N LEU B 38 9.51 -24.20 4.00
CA LEU B 38 9.35 -22.97 4.69
C LEU B 38 10.39 -22.06 3.99
N HIS B 39 9.89 -20.93 3.44
CA HIS B 39 10.74 -19.97 2.71
C HIS B 39 10.49 -18.59 3.20
N TRP B 40 11.46 -17.71 2.91
CA TRP B 40 11.37 -16.31 3.27
C TRP B 40 11.59 -15.43 2.06
N TYR B 41 10.68 -14.46 1.95
CA TYR B 41 10.80 -13.40 0.90
C TYR B 41 10.95 -12.03 1.54
N LEU B 42 11.61 -11.13 0.80
CA LEU B 42 11.70 -9.69 1.10
C LEU B 42 11.11 -8.89 -0.05
N GLN B 43 10.23 -7.97 0.29
CA GLN B 43 9.69 -7.03 -0.66
C GLN B 43 10.17 -5.66 -0.24
N LYS B 44 11.09 -5.13 -1.03
CA LYS B 44 11.58 -3.77 -0.78
C LYS B 44 10.51 -2.80 -1.23
N PRO B 45 10.51 -1.50 -0.71
CA PRO B 45 9.43 -0.58 -1.05
C PRO B 45 9.32 -0.36 -2.56
N GLY B 46 8.09 -0.48 -3.08
CA GLY B 46 7.93 -0.25 -4.46
C GLY B 46 8.25 -1.36 -5.40
N GLN B 47 8.70 -2.50 -4.85
CA GLN B 47 9.21 -3.59 -5.70
C GLN B 47 8.33 -4.84 -5.46
N SER B 48 8.68 -5.88 -6.18
CA SER B 48 8.02 -7.20 -5.98
CA SER B 48 8.12 -7.20 -6.05
C SER B 48 8.81 -7.95 -4.91
N PRO B 49 8.16 -8.91 -4.33
CA PRO B 49 8.90 -9.82 -3.41
C PRO B 49 10.01 -10.52 -4.17
N LYS B 50 11.08 -10.84 -3.48
CA LYS B 50 12.22 -11.59 -3.97
C LYS B 50 12.50 -12.69 -2.94
N LEU B 51 12.87 -13.86 -3.44
CA LEU B 51 13.23 -14.99 -2.56
C LEU B 51 14.57 -14.72 -1.87
N LEU B 52 14.57 -14.86 -0.54
CA LEU B 52 15.75 -14.76 0.26
C LEU B 52 16.32 -16.06 0.72
N ILE B 53 15.46 -16.83 1.37
CA ILE B 53 15.84 -18.13 1.98
C ILE B 53 14.84 -19.16 1.55
N HIS B 54 15.32 -20.33 1.17
CA HIS B 54 14.47 -21.43 0.80
C HIS B 54 14.78 -22.68 1.68
N LYS B 55 13.72 -23.37 2.08
CA LYS B 55 13.85 -24.64 2.76
C LYS B 55 14.60 -24.31 4.04
N VAL B 56 14.08 -23.41 4.82
CA VAL B 56 14.49 -23.04 6.17
C VAL B 56 15.76 -22.16 6.26
N SER B 57 16.82 -22.58 5.60
CA SER B 57 18.11 -22.00 5.84
C SER B 57 18.96 -21.79 4.61
N ASN B 58 18.53 -22.21 3.44
CA ASN B 58 19.39 -22.09 2.23
C ASN B 58 19.26 -20.67 1.63
N ARG B 59 20.35 -19.92 1.54
CA ARG B 59 20.27 -18.59 0.92
C ARG B 59 20.14 -18.74 -0.58
N PHE B 60 19.22 -17.96 -1.15
CA PHE B 60 19.07 -17.91 -2.63
C PHE B 60 20.23 -17.14 -3.27
N SER B 61 20.35 -17.36 -4.59
CA SER B 61 21.32 -16.74 -5.51
C SER B 61 21.41 -15.29 -5.17
N GLY B 62 22.65 -14.87 -4.85
CA GLY B 62 22.93 -13.45 -4.66
C GLY B 62 22.55 -12.86 -3.33
N VAL B 63 21.95 -13.65 -2.45
CA VAL B 63 21.52 -13.17 -1.13
C VAL B 63 22.70 -13.07 -0.15
N PRO B 64 22.93 -11.88 0.46
CA PRO B 64 24.07 -11.69 1.34
C PRO B 64 24.13 -12.68 2.51
N ASP B 65 25.34 -12.93 2.94
CA ASP B 65 25.64 -13.69 4.14
C ASP B 65 24.99 -13.30 5.47
N ARG B 66 24.63 -12.03 5.52
CA ARG B 66 24.04 -11.51 6.72
C ARG B 66 22.58 -11.92 6.95
N PHE B 67 21.98 -12.60 5.98
CA PHE B 67 20.63 -13.19 6.19
C PHE B 67 20.78 -14.66 6.55
N SER B 68 20.20 -15.09 7.67
CA SER B 68 20.18 -16.49 7.97
CA SER B 68 20.22 -16.45 8.15
C SER B 68 18.82 -16.89 8.51
N GLY B 69 18.43 -18.06 8.07
CA GLY B 69 17.18 -18.73 8.42
C GLY B 69 17.45 -19.92 9.31
N SER B 70 16.65 -20.08 10.34
CA SER B 70 16.76 -21.22 11.23
C SER B 70 15.41 -21.67 11.70
N GLY B 71 15.42 -22.74 12.47
CA GLY B 71 14.17 -23.24 13.05
C GLY B 71 13.85 -24.59 12.55
N SER B 72 12.72 -25.10 13.05
CA SER B 72 12.25 -26.42 12.65
C SER B 72 10.79 -26.60 13.11
N GLY B 73 10.13 -27.46 12.31
CA GLY B 73 8.77 -27.90 12.63
C GLY B 73 7.70 -26.82 12.54
N THR B 74 7.44 -26.11 13.59
CA THR B 74 6.51 -24.96 13.64
C THR B 74 7.11 -23.58 13.97
N ASP B 75 8.42 -23.56 14.30
CA ASP B 75 8.99 -22.34 14.83
C ASP B 75 10.22 -21.97 14.05
N PHE B 76 10.12 -20.86 13.30
CA PHE B 76 11.19 -20.40 12.41
C PHE B 76 11.54 -18.99 12.73
N THR B 77 12.81 -18.66 12.39
CA THR B 77 13.37 -17.34 12.61
C THR B 77 14.25 -16.95 11.41
N LEU B 78 14.07 -15.69 11.02
CA LEU B 78 14.99 -15.02 10.07
C LEU B 78 15.76 -13.98 10.90
N LYS B 79 17.09 -14.01 10.67
CA LYS B 79 18.00 -13.09 11.30
C LYS B 79 18.78 -12.31 10.27
N ILE B 80 18.79 -11.01 10.47
CA ILE B 80 19.42 -10.06 9.52
C ILE B 80 20.46 -9.33 10.29
N SER B 81 21.72 -9.68 10.05
CA SER B 81 22.80 -9.12 10.81
C SER B 81 23.23 -7.80 10.06
N ARG B 82 23.66 -6.82 10.82
CA ARG B 82 24.13 -5.59 10.26
C ARG B 82 23.14 -4.99 9.27
N VAL B 83 22.00 -4.66 9.83
CA VAL B 83 20.98 -4.09 8.96
C VAL B 83 21.49 -2.87 8.24
N GLU B 84 21.32 -2.82 6.95
CA GLU B 84 21.47 -1.61 6.16
C GLU B 84 20.23 -1.16 5.44
N ALA B 85 20.26 -0.01 4.75
CA ALA B 85 19.08 0.57 4.15
C ALA B 85 18.44 -0.38 3.20
N GLU B 86 19.24 -1.07 2.36
CA GLU B 86 18.71 -1.96 1.33
C GLU B 86 17.92 -3.15 1.89
N ASP B 87 18.06 -3.41 3.22
CA ASP B 87 17.32 -4.45 3.90
C ASP B 87 15.93 -4.07 4.33
N LEU B 88 15.65 -2.77 4.30
CA LEU B 88 14.35 -2.28 4.79
C LEU B 88 13.24 -2.70 3.80
N GLY B 89 12.13 -3.16 4.36
CA GLY B 89 11.02 -3.58 3.51
C GLY B 89 10.23 -4.58 4.32
N VAL B 90 9.40 -5.38 3.66
CA VAL B 90 8.49 -6.33 4.28
C VAL B 90 9.03 -7.74 4.00
N TYR B 91 9.17 -8.46 5.12
CA TYR B 91 9.59 -9.85 5.11
C TYR B 91 8.37 -10.78 5.29
N PHE B 92 8.30 -11.80 4.47
CA PHE B 92 7.19 -12.76 4.57
C PHE B 92 7.79 -14.13 4.69
N CYS B 93 7.23 -14.91 5.61
CA CYS B 93 7.44 -16.37 5.53
C CYS B 93 6.34 -17.06 4.70
N SER B 94 6.63 -18.24 4.18
CA SER B 94 5.67 -18.93 3.29
C SER B 94 5.85 -20.42 3.50
N GLN B 95 4.75 -21.15 3.52
CA GLN B 95 4.82 -22.58 3.59
C GLN B 95 4.23 -23.22 2.39
N SER B 96 4.84 -24.26 1.88
CA SER B 96 4.35 -25.11 0.77
C SER B 96 4.37 -26.65 1.11
N THR B 97 4.28 -26.91 2.39
CA THR B 97 4.13 -28.27 2.96
C THR B 97 2.71 -28.80 2.77
N HIS B 98 1.75 -28.00 3.23
CA HIS B 98 0.31 -28.39 3.27
C HIS B 98 -0.32 -27.54 2.18
N VAL B 99 -0.58 -28.15 1.04
CA VAL B 99 -1.13 -27.46 -0.11
C VAL B 99 -2.12 -28.28 -0.93
N PRO B 100 -3.07 -27.63 -1.59
CA PRO B 100 -3.29 -26.20 -1.61
C PRO B 100 -3.99 -25.80 -0.37
N PRO B 101 -4.03 -24.55 -0.01
CA PRO B 101 -3.22 -23.46 -0.64
C PRO B 101 -1.82 -23.31 0.07
N LEU B 102 -0.88 -22.87 -0.76
CA LEU B 102 0.32 -22.17 -0.12
C LEU B 102 -0.13 -21.07 0.74
N THR B 103 0.47 -20.82 1.91
CA THR B 103 0.08 -19.72 2.75
C THR B 103 1.34 -18.91 3.09
N PHE B 104 1.07 -17.74 3.53
CA PHE B 104 2.05 -16.75 3.88
C PHE B 104 1.80 -16.14 5.20
N GLY B 105 2.82 -15.71 5.93
CA GLY B 105 2.67 -14.85 7.04
C GLY B 105 2.22 -13.45 6.62
N ALA B 106 1.75 -12.65 7.51
CA ALA B 106 1.17 -11.32 7.21
C ALA B 106 2.20 -10.30 6.77
N GLY B 107 3.46 -10.57 7.01
CA GLY B 107 4.50 -9.56 6.66
C GLY B 107 4.96 -8.82 7.87
N THR B 108 6.29 -8.73 7.98
CA THR B 108 6.92 -7.97 9.08
C THR B 108 7.64 -6.84 8.39
N LYS B 109 7.26 -5.62 8.74
CA LYS B 109 7.90 -4.40 8.20
C LYS B 109 9.13 -4.06 8.98
N LEU B 110 10.31 -4.14 8.35
CA LEU B 110 11.60 -3.71 8.95
C LEU B 110 11.73 -2.24 8.63
N GLU B 111 11.78 -1.43 9.71
CA GLU B 111 11.72 0.03 9.63
C GLU B 111 12.81 0.64 10.54
N LEU B 112 13.05 1.92 10.39
CA LEU B 112 14.09 2.59 11.19
C LEU B 112 13.57 3.19 12.48
N LYS B 113 14.39 3.13 13.52
CA LYS B 113 14.08 3.76 14.83
C LYS B 113 14.61 5.17 14.75
N ARG B 114 13.86 6.07 15.39
CA ARG B 114 14.37 7.41 15.68
C ARG B 114 13.75 7.89 16.98
N ALA B 115 14.04 9.12 17.42
CA ALA B 115 13.44 9.65 18.63
C ALA B 115 11.99 9.94 18.37
N ASP B 116 11.22 9.83 19.43
CA ASP B 116 9.80 10.21 19.36
C ASP B 116 9.66 11.65 18.94
N ALA B 117 8.60 11.92 18.14
CA ALA B 117 8.36 13.26 17.61
C ALA B 117 6.84 13.49 17.57
N ALA B 118 6.39 14.57 18.16
CA ALA B 118 5.01 14.84 18.12
C ALA B 118 4.60 15.33 16.71
N PRO B 119 3.33 14.99 16.35
CA PRO B 119 2.95 15.47 14.99
C PRO B 119 2.81 16.99 14.93
N THR B 120 3.09 17.54 13.77
CA THR B 120 2.75 18.93 13.48
C THR B 120 1.38 18.89 12.83
N VAL B 121 0.40 19.47 13.50
CA VAL B 121 -1.02 19.32 13.14
C VAL B 121 -1.52 20.60 12.53
N SER B 122 -2.09 20.50 11.33
CA SER B 122 -2.63 21.66 10.63
C SER B 122 -4.04 21.31 10.19
N ILE B 123 -5.01 22.19 10.42
CA ILE B 123 -6.42 22.00 10.03
C ILE B 123 -6.86 23.06 9.02
N PHE B 124 -7.68 22.62 8.07
CA PHE B 124 -8.07 23.43 6.94
C PHE B 124 -9.55 23.37 6.76
N PRO B 125 -10.26 24.49 6.92
CA PRO B 125 -11.65 24.55 6.58
C PRO B 125 -11.88 24.33 5.08
N PRO B 126 -13.12 24.04 4.69
CA PRO B 126 -13.43 23.97 3.24
C PRO B 126 -12.98 25.23 2.57
N SER B 127 -12.50 25.04 1.36
CA SER B 127 -12.22 26.18 0.54
C SER B 127 -13.48 26.86 0.12
N SER B 128 -13.35 28.18 -0.13
CA SER B 128 -14.51 28.91 -0.65
C SER B 128 -15.02 28.35 -1.97
N GLU B 129 -14.10 27.88 -2.80
CA GLU B 129 -14.57 27.23 -3.97
C GLU B 129 -15.46 25.96 -3.71
N GLN B 130 -15.03 25.09 -2.81
CA GLN B 130 -15.87 23.94 -2.53
C GLN B 130 -17.31 24.20 -1.94
N LEU B 131 -17.31 25.23 -1.11
CA LEU B 131 -18.58 25.70 -0.54
C LEU B 131 -19.62 26.06 -1.66
N THR B 132 -19.11 26.63 -2.73
CA THR B 132 -20.08 26.88 -3.82
C THR B 132 -20.69 25.59 -4.42
N SER B 133 -20.06 24.43 -4.18
CA SER B 133 -20.49 23.09 -4.66
C SER B 133 -21.58 22.42 -3.87
N GLY B 134 -21.88 22.92 -2.67
CA GLY B 134 -22.74 21.99 -1.80
C GLY B 134 -22.10 20.72 -1.13
N GLY B 135 -20.78 20.61 -1.22
CA GLY B 135 -20.01 19.75 -0.33
C GLY B 135 -19.02 20.62 0.45
N ALA B 136 -18.53 19.99 1.52
CA ALA B 136 -17.64 20.62 2.47
C ALA B 136 -16.67 19.58 3.02
N SER B 137 -15.39 19.67 2.66
CA SER B 137 -14.38 18.81 3.22
C SER B 137 -13.52 19.61 4.16
N VAL B 138 -13.21 19.06 5.34
CA VAL B 138 -12.26 19.62 6.29
C VAL B 138 -11.06 18.71 6.32
N VAL B 139 -9.87 19.26 6.21
CA VAL B 139 -8.67 18.44 6.08
C VAL B 139 -7.81 18.68 7.32
N CYS B 140 -7.21 17.62 7.82
CA CYS B 140 -6.21 17.74 8.88
C CYS B 140 -4.98 16.98 8.46
N PHE B 141 -3.85 17.64 8.49
CA PHE B 141 -2.54 16.99 8.28
C PHE B 141 -1.90 16.81 9.64
N LEU B 142 -1.30 15.62 9.86
CA LEU B 142 -0.61 15.30 11.11
C LEU B 142 0.72 14.85 10.61
N ASN B 143 1.69 15.74 10.62
CA ASN B 143 2.92 15.55 9.87
C ASN B 143 4.15 15.29 10.69
N ASN B 144 5.04 14.46 10.18
CA ASN B 144 6.42 14.32 10.72
C ASN B 144 6.47 13.82 12.16
N PHE B 145 5.73 12.78 12.46
CA PHE B 145 5.66 12.19 13.79
C PHE B 145 6.37 10.84 13.87
N TYR B 146 6.62 10.43 15.12
CA TYR B 146 7.17 9.13 15.42
C TYR B 146 6.84 8.82 16.85
N PRO B 147 6.38 7.60 17.14
CA PRO B 147 6.28 6.40 16.30
C PRO B 147 5.09 6.39 15.39
N LYS B 148 4.96 5.33 14.57
CA LYS B 148 3.96 5.37 13.51
C LYS B 148 2.53 5.29 13.95
N ASP B 149 2.20 4.64 15.09
CA ASP B 149 0.83 4.45 15.42
C ASP B 149 0.22 5.78 15.92
N ILE B 150 -0.94 6.06 15.39
CA ILE B 150 -1.65 7.35 15.73
C ILE B 150 -3.12 7.04 15.57
N ASN B 151 -4.02 7.75 16.27
CA ASN B 151 -5.42 7.56 16.09
C ASN B 151 -6.08 8.90 16.03
N VAL B 152 -6.89 9.12 15.03
CA VAL B 152 -7.55 10.41 14.79
C VAL B 152 -9.07 10.35 14.88
N LYS B 153 -9.71 11.31 15.55
CA LYS B 153 -11.15 11.47 15.62
C LYS B 153 -11.41 12.94 15.15
N TRP B 154 -12.57 13.08 14.50
CA TRP B 154 -13.18 14.38 14.19
C TRP B 154 -14.27 14.64 15.21
N LYS B 155 -14.23 15.86 15.77
CA LYS B 155 -15.28 16.28 16.76
C LYS B 155 -15.90 17.57 16.25
N ILE B 156 -17.18 17.55 16.08
CA ILE B 156 -17.97 18.63 15.58
C ILE B 156 -18.92 19.13 16.68
N ASP B 157 -18.77 20.40 17.00
CA ASP B 157 -19.53 20.97 18.17
C ASP B 157 -19.38 20.01 19.35
N GLY B 158 -18.19 19.50 19.55
CA GLY B 158 -17.87 18.67 20.68
C GLY B 158 -18.40 17.27 20.63
N SER B 159 -18.83 16.77 19.48
CA SER B 159 -19.43 15.43 19.35
C SER B 159 -18.63 14.73 18.22
N GLU B 160 -18.16 13.49 18.40
CA GLU B 160 -17.49 12.72 17.30
C GLU B 160 -18.38 12.53 16.12
N ARG B 161 -17.77 12.70 14.94
CA ARG B 161 -18.36 12.33 13.65
C ARG B 161 -17.48 11.21 13.07
N GLN B 162 -18.11 10.05 12.83
CA GLN B 162 -17.39 8.88 12.27
C GLN B 162 -17.56 8.74 10.73
N ASN B 163 -18.71 9.14 10.21
CA ASN B 163 -18.99 8.97 8.79
C ASN B 163 -18.32 10.01 7.95
N GLY B 164 -17.82 9.68 6.75
CA GLY B 164 -17.31 10.68 5.86
C GLY B 164 -15.84 10.96 6.06
N VAL B 165 -15.11 10.05 6.71
CA VAL B 165 -13.69 10.28 6.97
C VAL B 165 -12.84 9.44 6.02
N LEU B 166 -11.87 10.09 5.41
CA LEU B 166 -10.91 9.44 4.49
C LEU B 166 -9.52 9.73 5.00
N ASN B 167 -8.79 8.69 5.35
CA ASN B 167 -7.47 8.74 5.89
C ASN B 167 -6.44 8.16 4.94
N SER B 168 -5.32 8.78 4.92
CA SER B 168 -4.17 8.29 4.18
C SER B 168 -2.87 8.55 4.92
N TRP B 169 -1.92 7.63 4.79
CA TRP B 169 -0.69 7.66 5.61
C TRP B 169 0.50 7.47 4.70
N THR B 170 1.56 8.19 4.96
CA THR B 170 2.79 7.98 4.21
C THR B 170 3.59 6.81 4.80
N ASP B 171 4.44 6.24 3.93
CA ASP B 171 5.46 5.32 4.40
C ASP B 171 6.52 6.13 5.14
N GLN B 172 7.41 5.43 5.83
CA GLN B 172 8.44 6.16 6.60
C GLN B 172 9.26 7.03 5.76
N ASP B 173 9.53 8.25 6.18
CA ASP B 173 10.28 9.18 5.38
CA ASP B 173 10.29 9.19 5.40
C ASP B 173 11.74 8.72 5.27
N SER B 174 12.27 8.75 4.06
CA SER B 174 13.59 8.21 3.79
C SER B 174 14.69 9.07 4.43
N LYS B 175 14.42 10.34 4.60
CA LYS B 175 15.41 11.34 5.11
C LYS B 175 15.35 11.57 6.63
N ASP B 176 14.15 11.64 7.26
CA ASP B 176 14.14 11.87 8.68
C ASP B 176 13.42 10.79 9.51
N SER B 177 12.99 9.70 8.86
CA SER B 177 12.42 8.54 9.55
C SER B 177 11.05 8.76 10.25
N THR B 178 10.41 9.86 9.90
CA THR B 178 9.04 10.19 10.41
C THR B 178 7.95 9.70 9.53
N TYR B 179 6.71 9.78 10.07
CA TYR B 179 5.52 9.30 9.41
C TYR B 179 4.56 10.52 9.35
N SER B 180 3.66 10.56 8.36
CA SER B 180 2.68 11.61 8.22
C SER B 180 1.35 11.00 7.86
N MET B 181 0.28 11.73 8.15
CA MET B 181 -1.08 11.29 7.94
C MET B 181 -1.94 12.46 7.50
N SER B 182 -2.91 12.19 6.61
CA SER B 182 -3.96 13.12 6.16
C SER B 182 -5.28 12.54 6.50
N SER B 183 -6.18 13.32 7.11
CA SER B 183 -7.50 12.90 7.32
C SER B 183 -8.44 13.95 6.77
N THR B 184 -9.44 13.53 5.99
CA THR B 184 -10.39 14.45 5.35
C THR B 184 -11.76 14.01 5.75
N LEU B 185 -12.46 14.94 6.42
CA LEU B 185 -13.89 14.78 6.77
C LEU B 185 -14.78 15.46 5.71
N THR B 186 -15.62 14.68 5.03
CA THR B 186 -16.49 15.24 4.01
C THR B 186 -17.93 15.23 4.51
N LEU B 187 -18.52 16.40 4.43
CA LEU B 187 -19.94 16.63 4.81
C LEU B 187 -20.66 17.27 3.65
N THR B 188 -22.02 17.26 3.68
CA THR B 188 -22.68 18.17 2.77
C THR B 188 -22.53 19.61 3.25
N LYS B 189 -22.77 20.57 2.39
CA LYS B 189 -22.64 21.96 2.77
C LYS B 189 -23.72 22.26 3.82
N ASP B 190 -24.90 21.70 3.67
CA ASP B 190 -25.92 21.92 4.70
C ASP B 190 -25.56 21.32 6.06
N GLU B 191 -24.98 20.12 6.11
CA GLU B 191 -24.50 19.61 7.37
C GLU B 191 -23.39 20.51 7.97
N TYR B 192 -22.43 20.94 7.18
CA TYR B 192 -21.32 21.78 7.55
C TYR B 192 -21.90 23.06 8.20
N GLU B 193 -22.92 23.65 7.61
CA GLU B 193 -23.56 24.89 8.15
C GLU B 193 -24.43 24.68 9.35
N ARG B 194 -24.70 23.47 9.78
CA ARG B 194 -25.42 23.22 11.03
C ARG B 194 -24.54 23.26 12.24
N HIS B 195 -23.21 23.38 12.09
CA HIS B 195 -22.29 23.34 13.24
C HIS B 195 -21.18 24.34 13.09
N ASN B 196 -20.53 24.72 14.19
CA ASN B 196 -19.61 25.77 14.17
C ASN B 196 -18.19 25.42 14.59
N SER B 197 -18.00 24.43 15.48
CA SER B 197 -16.72 24.05 16.00
C SER B 197 -16.26 22.73 15.36
N TYR B 198 -15.10 22.83 14.71
CA TYR B 198 -14.45 21.64 14.01
C TYR B 198 -13.09 21.42 14.59
N THR B 199 -12.89 20.19 15.06
CA THR B 199 -11.69 19.79 15.70
C THR B 199 -11.15 18.41 15.16
N CYS B 200 -9.88 18.42 14.86
CA CYS B 200 -9.06 17.27 14.60
CA CYS B 200 -9.25 17.17 14.68
C CYS B 200 -8.38 16.85 15.87
N GLU B 201 -8.64 15.66 16.36
CA GLU B 201 -8.06 15.18 17.63
C GLU B 201 -7.28 13.88 17.41
N ALA B 202 -6.05 13.86 17.86
CA ALA B 202 -5.27 12.67 17.76
C ALA B 202 -4.87 12.18 19.12
N THR B 203 -4.72 10.87 19.25
CA THR B 203 -3.89 10.29 20.32
C THR B 203 -2.61 9.71 19.76
N HIS B 204 -1.54 9.78 20.51
CA HIS B 204 -0.19 9.43 20.07
C HIS B 204 0.65 9.22 21.33
N LYS B 205 1.67 8.41 21.22
CA LYS B 205 2.57 8.14 22.37
C LYS B 205 3.13 9.46 22.94
N THR B 206 3.38 10.50 22.17
CA THR B 206 4.04 11.72 22.65
C THR B 206 3.26 12.53 23.63
N SER B 207 1.99 12.25 23.81
CA SER B 207 1.26 13.07 24.78
C SER B 207 0.29 12.14 25.48
N THR B 208 0.10 12.38 26.78
CA THR B 208 -0.85 11.64 27.56
C THR B 208 -2.33 12.09 27.23
N SER B 209 -2.42 13.34 26.75
CA SER B 209 -3.66 14.03 26.49
C SER B 209 -3.90 14.00 24.95
N PRO B 210 -5.15 14.15 24.53
CA PRO B 210 -5.42 14.39 23.06
C PRO B 210 -4.68 15.58 22.52
N ILE B 211 -4.21 15.46 21.29
CA ILE B 211 -3.62 16.54 20.58
C ILE B 211 -4.65 17.11 19.63
N VAL B 212 -4.86 18.42 19.67
CA VAL B 212 -5.98 19.02 18.99
C VAL B 212 -5.62 20.20 18.18
N LYS B 213 -6.30 20.33 17.05
CA LYS B 213 -6.35 21.57 16.30
C LYS B 213 -7.78 21.80 15.92
N SER B 214 -8.21 23.07 15.99
CA SER B 214 -9.60 23.43 15.84
CA SER B 214 -9.61 23.40 15.86
C SER B 214 -9.77 24.70 15.09
N PHE B 215 -10.97 24.90 14.60
CA PHE B 215 -11.39 26.23 14.05
C PHE B 215 -12.86 26.38 14.31
N ASN B 216 -13.31 27.64 14.25
CA ASN B 216 -14.69 27.95 14.20
C ASN B 216 -15.07 28.40 12.78
N ARG B 217 -16.18 27.86 12.30
CA ARG B 217 -16.63 28.02 10.91
C ARG B 217 -16.85 29.45 10.48
N ASN B 218 -17.34 30.27 11.40
CA ASN B 218 -17.57 31.69 11.07
C ASN B 218 -16.37 32.67 11.24
N VAL C 1 4.28 -29.73 -12.39
CA VAL C 1 5.68 -30.25 -12.39
C VAL C 1 6.29 -30.08 -11.02
N CYS C 2 7.22 -30.98 -10.68
CA CYS C 2 7.85 -30.97 -9.44
C CYS C 2 8.90 -29.88 -9.42
N ASN C 3 8.63 -28.97 -8.53
CA ASN C 3 9.56 -27.91 -8.24
C ASN C 3 10.02 -27.92 -6.77
N PRO C 4 11.32 -27.54 -6.57
CA PRO C 4 11.87 -27.66 -5.22
C PRO C 4 11.24 -26.84 -4.14
N LEU C 5 10.71 -25.64 -4.46
CA LEU C 5 10.06 -24.90 -3.38
C LEU C 5 8.66 -25.32 -2.93
N THR C 6 8.05 -26.06 -3.91
CA THR C 6 6.59 -26.28 -3.83
C THR C 6 6.15 -27.71 -3.59
N GLY C 7 7.15 -28.58 -3.38
CA GLY C 7 6.82 -29.93 -2.86
C GLY C 7 5.88 -30.71 -3.79
N ALA C 8 4.77 -31.04 -3.18
CA ALA C 8 3.71 -31.84 -3.86
C ALA C 8 2.84 -31.04 -4.83
N LEU C 9 3.00 -29.71 -4.92
CA LEU C 9 2.19 -28.98 -5.85
C LEU C 9 2.44 -29.44 -7.26
N LEU C 10 1.34 -29.91 -7.93
CA LEU C 10 1.39 -30.35 -9.31
C LEU C 10 2.46 -31.44 -9.53
N CYS C 11 2.61 -32.20 -8.44
CA CYS C 11 3.74 -33.15 -8.41
C CYS C 11 3.32 -34.45 -7.68
C ACT D . 3.56 27.94 -10.94
O ACT D . 4.67 27.50 -11.30
OXT ACT D . 3.43 29.15 -10.49
CH3 ACT D . 2.56 26.92 -10.72
C ACT E . -10.17 -8.21 -20.30
O ACT E . -9.22 -8.03 -19.44
OXT ACT E . -11.30 -8.58 -19.99
CH3 ACT E . -9.95 -8.21 -21.79
C ACT F . -8.46 -27.97 -7.86
O ACT F . -7.31 -27.67 -7.40
OXT ACT F . -8.62 -27.94 -9.11
CH3 ACT F . -9.60 -28.07 -6.93
S SO4 G . 23.35 -21.19 8.34
O1 SO4 G . 23.66 -21.79 9.68
O2 SO4 G . 24.52 -20.90 7.45
O3 SO4 G . 22.71 -19.83 8.40
O4 SO4 G . 22.47 -22.21 7.71
#